data_6HYI
#
_entry.id   6HYI
#
_cell.length_a   40.740
_cell.length_b   88.529
_cell.length_c   46.020
_cell.angle_alpha   90.000
_cell.angle_beta   98.280
_cell.angle_gamma   90.000
#
_symmetry.space_group_name_H-M   'P 1 21 1'
#
loop_
_entity.id
_entity.type
_entity.pdbx_description
1 polymer 'Protein kinase A regulatory subunit'
2 non-polymer INOSINE
3 water water
#
_entity_poly.entity_id   1
_entity_poly.type   'polypeptide(L)'
_entity_poly.pdbx_seq_one_letter_code
;GRNRRRTVRSEGIDPEKAKLYQAPYFEKSEDEMNLITKLLTHNVLFSFLNTKDIKVVAGAMQRATFKHDDCIMEAGQTTC
NKLYIIQSGHADIIKEGQKVYLKTEGTAVGELELMYDTPVVATVKVCTDELIAWVLDRDTYRNLVMGTAIRRRETYIQFL
ANVPFLGGLDSYEKLQLADALSSEEFSPGEYIIHYGEEGEWLYIIMEGTVEVIGRDADGEPTKVCEFTQGDHIGELEFLN
NHRTVADVVATTHVITAKLNRRHFEMCLGPVIDVLKRCADDPKYEYYQNVLKTGAAQPSYVDDV
;
_entity_poly.pdbx_strand_id   B
#
# COMPACT_ATOMS: atom_id res chain seq x y z
N ASP A 14 -0.23 -27.14 5.69
CA ASP A 14 0.13 -26.40 4.48
C ASP A 14 1.41 -25.58 4.68
N PRO A 15 1.44 -24.74 5.72
CA PRO A 15 2.66 -23.95 5.97
C PRO A 15 3.91 -24.80 6.16
N GLU A 16 3.77 -26.03 6.66
CA GLU A 16 4.91 -26.91 6.77
C GLU A 16 5.34 -27.46 5.42
N LYS A 17 4.38 -27.62 4.49
CA LYS A 17 4.73 -28.10 3.16
C LYS A 17 5.46 -27.04 2.35
N ALA A 18 5.03 -25.78 2.45
CA ALA A 18 5.70 -24.69 1.73
C ALA A 18 7.16 -24.57 2.14
N LYS A 19 7.51 -25.00 3.35
CA LYS A 19 8.91 -25.03 3.78
C LYS A 19 9.76 -25.88 2.84
N LEU A 20 9.17 -26.88 2.21
CA LEU A 20 9.91 -27.79 1.33
C LEU A 20 9.92 -27.32 -0.11
N TYR A 21 9.17 -26.28 -0.44
CA TYR A 21 9.13 -25.76 -1.79
C TYR A 21 10.37 -24.93 -2.06
N GLN A 22 11.04 -25.23 -3.17
CA GLN A 22 12.21 -24.48 -3.62
C GLN A 22 11.79 -23.68 -4.85
N ALA A 23 11.79 -22.36 -4.73
CA ALA A 23 11.43 -21.54 -5.85
C ALA A 23 12.46 -21.68 -6.97
N PRO A 24 12.05 -21.52 -8.23
CA PRO A 24 13.03 -21.43 -9.31
C PRO A 24 13.88 -20.18 -9.15
N TYR A 25 15.07 -20.22 -9.74
CA TYR A 25 15.95 -19.06 -9.76
C TYR A 25 16.40 -18.83 -11.19
N PHE A 26 16.25 -17.60 -11.66
CA PHE A 26 16.74 -17.17 -12.96
C PHE A 26 17.78 -16.09 -12.71
N GLU A 27 18.98 -16.28 -13.24
CA GLU A 27 20.12 -15.41 -12.90
C GLU A 27 19.78 -13.93 -13.03
N LYS A 28 20.09 -13.17 -11.97
CA LYS A 28 19.86 -11.75 -11.93
C LYS A 28 21.17 -11.03 -11.64
N SER A 29 21.40 -9.91 -12.32
CA SER A 29 22.48 -9.04 -11.89
C SER A 29 22.08 -8.34 -10.59
N GLU A 30 23.07 -7.77 -9.92
CA GLU A 30 22.75 -6.99 -8.72
C GLU A 30 21.78 -5.86 -9.04
N ASP A 31 21.99 -5.19 -10.17
CA ASP A 31 21.10 -4.09 -10.54
C ASP A 31 19.69 -4.59 -10.82
N GLU A 32 19.55 -5.76 -11.45
CA GLU A 32 18.21 -6.30 -11.66
C GLU A 32 17.55 -6.68 -10.34
N MET A 33 18.30 -7.33 -9.45
CA MET A 33 17.76 -7.63 -8.13
C MET A 33 17.30 -6.36 -7.43
N ASN A 34 18.10 -5.30 -7.49
CA ASN A 34 17.68 -4.05 -6.85
C ASN A 34 16.37 -3.53 -7.45
N LEU A 35 16.29 -3.54 -8.79
CA LEU A 35 15.10 -3.05 -9.48
C LEU A 35 13.86 -3.84 -9.06
N ILE A 36 13.95 -5.16 -9.14
CA ILE A 36 12.79 -6.00 -8.83
C ILE A 36 12.44 -5.88 -7.35
N THR A 37 13.44 -5.90 -6.48
CA THR A 37 13.14 -5.83 -5.05
C THR A 37 12.40 -4.55 -4.73
N LYS A 38 12.80 -3.43 -5.34
CA LYS A 38 12.08 -2.17 -5.13
C LYS A 38 10.63 -2.28 -5.58
N LEU A 39 10.37 -2.92 -6.73
CA LEU A 39 8.98 -3.10 -7.12
C LEU A 39 8.22 -3.92 -6.09
N LEU A 40 8.84 -4.97 -5.58
CA LEU A 40 8.13 -5.87 -4.68
C LEU A 40 7.89 -5.19 -3.34
N THR A 41 8.86 -4.42 -2.85
CA THR A 41 8.69 -3.84 -1.52
C THR A 41 7.71 -2.68 -1.52
N HIS A 42 7.31 -2.18 -2.69
CA HIS A 42 6.30 -1.14 -2.76
C HIS A 42 4.94 -1.65 -3.23
N ASN A 43 4.83 -2.93 -3.58
CA ASN A 43 3.57 -3.50 -4.05
C ASN A 43 2.90 -4.24 -2.91
N VAL A 44 1.62 -3.97 -2.69
CA VAL A 44 0.96 -4.47 -1.48
C VAL A 44 0.90 -5.99 -1.40
N LEU A 45 1.01 -6.70 -2.52
CA LEU A 45 0.92 -8.16 -2.45
C LEU A 45 2.07 -8.81 -1.68
N PHE A 46 3.16 -8.08 -1.46
CA PHE A 46 4.37 -8.61 -0.82
C PHE A 46 4.63 -7.95 0.54
N SER A 47 3.62 -7.27 1.08
CA SER A 47 3.80 -6.36 2.20
C SER A 47 4.43 -7.04 3.41
N PHE A 48 4.08 -8.30 3.67
CA PHE A 48 4.49 -8.95 4.91
C PHE A 48 5.53 -10.05 4.71
N LEU A 49 6.14 -10.10 3.53
CA LEU A 49 7.28 -10.97 3.30
C LEU A 49 8.52 -10.34 3.90
N ASN A 50 9.35 -11.17 4.52
CA ASN A 50 10.61 -10.68 5.04
C ASN A 50 11.64 -10.54 3.92
N THR A 51 12.79 -9.96 4.27
CA THR A 51 13.78 -9.62 3.27
C THR A 51 14.28 -10.85 2.54
N LYS A 52 14.53 -11.95 3.27
CA LYS A 52 15.02 -13.16 2.61
C LYS A 52 14.01 -13.68 1.60
N ASP A 53 12.72 -13.67 1.96
CA ASP A 53 11.70 -14.17 1.05
C ASP A 53 11.52 -13.25 -0.16
N ILE A 54 11.59 -11.93 0.03
CA ILE A 54 11.50 -11.02 -1.11
C ILE A 54 12.58 -11.35 -2.13
N LYS A 55 13.79 -11.65 -1.65
CA LYS A 55 14.88 -11.94 -2.58
C LYS A 55 14.65 -13.25 -3.33
N VAL A 56 14.12 -14.27 -2.65
CA VAL A 56 13.80 -15.51 -3.35
C VAL A 56 12.73 -15.25 -4.42
N VAL A 57 11.70 -14.50 -4.06
CA VAL A 57 10.63 -14.20 -5.03
C VAL A 57 11.20 -13.44 -6.21
N ALA A 58 12.02 -12.42 -5.95
CA ALA A 58 12.62 -11.69 -7.06
C ALA A 58 13.44 -12.61 -7.95
N GLY A 59 14.21 -13.51 -7.34
CA GLY A 59 15.01 -14.42 -8.14
C GLY A 59 14.17 -15.32 -9.03
N ALA A 60 12.94 -15.61 -8.61
CA ALA A 60 12.06 -16.49 -9.37
C ALA A 60 11.38 -15.79 -10.53
N MET A 61 11.51 -14.48 -10.66
CA MET A 61 10.75 -13.78 -11.68
C MET A 61 11.50 -13.74 -13.01
N GLN A 62 10.73 -13.71 -14.08
CA GLN A 62 11.27 -13.63 -15.42
C GLN A 62 10.74 -12.38 -16.10
N ARG A 63 11.56 -11.80 -16.98
CA ARG A 63 11.16 -10.58 -17.65
C ARG A 63 10.31 -10.88 -18.87
N ALA A 64 9.26 -10.08 -19.05
CA ALA A 64 8.38 -10.20 -20.21
C ALA A 64 8.10 -8.81 -20.75
N THR A 65 7.92 -8.70 -22.07
CA THR A 65 7.61 -7.42 -22.68
C THR A 65 6.43 -7.56 -23.61
N PHE A 66 5.73 -6.44 -23.78
CA PHE A 66 4.52 -6.36 -24.56
C PHE A 66 4.49 -5.05 -25.30
N LYS A 67 3.65 -5.00 -26.33
CA LYS A 67 3.46 -3.81 -27.15
C LYS A 67 2.05 -3.28 -26.99
N HIS A 68 1.87 -2.01 -27.36
CA HIS A 68 0.56 -1.40 -27.39
C HIS A 68 -0.45 -2.35 -28.01
N ASP A 69 -1.59 -2.51 -27.34
CA ASP A 69 -2.75 -3.30 -27.76
C ASP A 69 -2.57 -4.79 -27.49
N ASP A 70 -1.41 -5.25 -27.03
CA ASP A 70 -1.28 -6.64 -26.62
C ASP A 70 -2.17 -6.90 -25.40
N CYS A 71 -2.78 -8.08 -25.35
CA CYS A 71 -3.49 -8.52 -24.16
C CYS A 71 -2.57 -9.40 -23.33
N ILE A 72 -2.21 -8.92 -22.13
CA ILE A 72 -1.43 -9.74 -21.22
C ILE A 72 -2.21 -10.96 -20.81
N MET A 73 -3.50 -10.78 -20.56
CA MET A 73 -4.42 -11.88 -20.33
C MET A 73 -5.78 -11.43 -20.80
N GLU A 74 -6.65 -12.39 -21.09
CA GLU A 74 -7.95 -12.10 -21.65
C GLU A 74 -9.02 -12.76 -20.82
N ALA A 75 -10.13 -12.05 -20.62
CA ALA A 75 -11.21 -12.55 -19.79
C ALA A 75 -11.60 -13.95 -20.23
N GLY A 76 -11.71 -14.85 -19.25
CA GLY A 76 -12.10 -16.21 -19.49
C GLY A 76 -10.96 -17.21 -19.61
N GLN A 77 -9.74 -16.73 -19.81
CA GLN A 77 -8.61 -17.63 -20.00
C GLN A 77 -8.35 -18.48 -18.76
N THR A 78 -7.97 -19.74 -18.99
CA THR A 78 -7.52 -20.64 -17.95
C THR A 78 -6.04 -20.97 -18.07
N THR A 79 -5.34 -20.35 -19.03
CA THR A 79 -3.96 -20.69 -19.37
C THR A 79 -2.95 -19.65 -18.88
N CYS A 80 -3.39 -18.67 -18.09
CA CYS A 80 -2.43 -17.68 -17.61
C CYS A 80 -1.76 -18.16 -16.33
N ASN A 81 -2.44 -17.98 -15.19
CA ASN A 81 -1.93 -18.50 -13.93
C ASN A 81 -0.56 -17.91 -13.59
N LYS A 82 -0.34 -16.67 -13.99
CA LYS A 82 0.92 -15.98 -13.72
C LYS A 82 0.62 -14.63 -13.12
N LEU A 83 1.59 -14.12 -12.36
CA LEU A 83 1.48 -12.82 -11.73
C LEU A 83 2.48 -11.91 -12.44
N TYR A 84 2.00 -10.78 -12.94
CA TYR A 84 2.87 -9.81 -13.60
C TYR A 84 2.98 -8.56 -12.75
N ILE A 85 4.22 -8.16 -12.46
CA ILE A 85 4.50 -6.90 -11.79
C ILE A 85 5.10 -5.97 -12.82
N ILE A 86 4.47 -4.81 -13.01
CA ILE A 86 4.83 -3.93 -14.12
C ILE A 86 6.04 -3.10 -13.72
N GLN A 87 7.11 -3.20 -14.53
CA GLN A 87 8.25 -2.29 -14.39
C GLN A 87 7.93 -0.94 -15.00
N SER A 88 7.44 -0.92 -16.24
CA SER A 88 7.07 0.32 -16.88
C SER A 88 6.02 0.03 -17.92
N GLY A 89 5.25 1.06 -18.26
CA GLY A 89 4.11 0.91 -19.12
C GLY A 89 2.81 0.84 -18.33
N HIS A 90 1.71 1.03 -19.06
CA HIS A 90 0.38 1.01 -18.48
C HIS A 90 -0.48 0.02 -19.23
N ALA A 91 -1.52 -0.48 -18.55
CA ALA A 91 -2.46 -1.39 -19.16
C ALA A 91 -3.88 -1.08 -18.69
N ASP A 92 -4.83 -1.16 -19.61
CA ASP A 92 -6.23 -1.00 -19.27
C ASP A 92 -6.79 -2.32 -18.77
N ILE A 93 -7.62 -2.25 -17.73
CA ILE A 93 -8.46 -3.37 -17.32
C ILE A 93 -9.81 -3.20 -18.01
N ILE A 94 -10.22 -4.22 -18.76
CA ILE A 94 -11.40 -4.12 -19.62
C ILE A 94 -12.40 -5.20 -19.21
N LYS A 95 -13.62 -4.78 -18.89
CA LYS A 95 -14.72 -5.69 -18.60
C LYS A 95 -15.86 -5.37 -19.56
N GLU A 96 -16.30 -6.37 -20.31
CA GLU A 96 -17.41 -6.19 -21.25
C GLU A 96 -17.16 -5.02 -22.18
N GLY A 97 -15.95 -4.95 -22.71
CA GLY A 97 -15.59 -3.92 -23.66
C GLY A 97 -15.41 -2.53 -23.10
N GLN A 98 -15.56 -2.35 -21.79
CA GLN A 98 -15.41 -1.04 -21.16
C GLN A 98 -14.13 -1.01 -20.36
N LYS A 99 -13.38 0.08 -20.48
CA LYS A 99 -12.16 0.27 -19.69
C LYS A 99 -12.55 0.74 -18.30
N VAL A 100 -12.20 -0.03 -17.28
CA VAL A 100 -12.68 0.20 -15.92
C VAL A 100 -11.57 0.54 -14.93
N TYR A 101 -10.30 0.42 -15.31
CA TYR A 101 -9.21 0.65 -14.36
C TYR A 101 -7.93 0.76 -15.18
N LEU A 102 -6.98 1.53 -14.67
CA LEU A 102 -5.69 1.71 -15.32
C LEU A 102 -4.58 1.21 -14.41
N LYS A 103 -3.83 0.21 -14.88
CA LYS A 103 -2.68 -0.31 -14.16
C LYS A 103 -1.43 0.41 -14.63
N THR A 104 -0.63 0.87 -13.69
CA THR A 104 0.56 1.66 -13.98
C THR A 104 1.79 1.00 -13.36
N GLU A 105 2.94 1.68 -13.48
CA GLU A 105 4.18 1.08 -13.05
C GLU A 105 4.12 0.69 -11.58
N GLY A 106 4.67 -0.49 -11.29
CA GLY A 106 4.70 -1.00 -9.94
C GLY A 106 3.50 -1.83 -9.55
N THR A 107 2.43 -1.82 -10.34
CA THR A 107 1.23 -2.56 -9.99
C THR A 107 1.30 -3.98 -10.54
N ALA A 108 0.38 -4.81 -10.05
CA ALA A 108 0.32 -6.21 -10.44
C ALA A 108 -0.95 -6.48 -11.24
N VAL A 109 -0.84 -7.45 -12.15
CA VAL A 109 -2.02 -8.04 -12.77
C VAL A 109 -1.92 -9.56 -12.67
N GLY A 110 -3.08 -10.20 -12.54
CA GLY A 110 -3.15 -11.63 -12.39
C GLY A 110 -3.33 -12.09 -10.96
N GLU A 111 -3.27 -11.16 -10.00
CA GLU A 111 -3.33 -11.55 -8.60
C GLU A 111 -4.71 -12.01 -8.18
N LEU A 112 -5.76 -11.46 -8.79
CA LEU A 112 -7.11 -11.88 -8.45
C LEU A 112 -7.30 -13.36 -8.75
N GLU A 113 -6.83 -13.80 -9.92
CA GLU A 113 -6.99 -15.19 -10.33
C GLU A 113 -6.15 -16.12 -9.46
N LEU A 114 -4.95 -15.69 -9.08
CA LEU A 114 -4.09 -16.54 -8.26
C LEU A 114 -4.59 -16.62 -6.83
N MET A 115 -5.14 -15.52 -6.31
CA MET A 115 -5.61 -15.50 -4.93
C MET A 115 -6.91 -16.27 -4.79
N TYR A 116 -7.79 -16.18 -5.79
CA TYR A 116 -9.13 -16.74 -5.67
C TYR A 116 -9.40 -17.94 -6.56
N ASP A 117 -8.42 -18.42 -7.32
CA ASP A 117 -8.56 -19.63 -8.13
C ASP A 117 -9.76 -19.54 -9.06
N THR A 118 -9.69 -18.60 -9.98
CA THR A 118 -10.76 -18.40 -10.94
C THR A 118 -10.13 -18.05 -12.28
N PRO A 119 -10.79 -18.39 -13.39
CA PRO A 119 -10.31 -17.97 -14.69
C PRO A 119 -10.23 -16.45 -14.75
N VAL A 120 -9.43 -15.95 -15.69
CA VAL A 120 -9.21 -14.52 -15.80
C VAL A 120 -10.53 -13.77 -15.83
N VAL A 121 -10.64 -12.76 -14.98
CA VAL A 121 -11.89 -12.02 -14.83
C VAL A 121 -12.00 -10.88 -15.82
N ALA A 122 -10.91 -10.18 -16.09
CA ALA A 122 -10.92 -9.01 -16.95
C ALA A 122 -9.75 -9.10 -17.93
N THR A 123 -9.95 -8.53 -19.11
CA THR A 123 -8.87 -8.41 -20.08
C THR A 123 -7.91 -7.30 -19.65
N VAL A 124 -6.63 -7.56 -19.80
CA VAL A 124 -5.57 -6.61 -19.46
C VAL A 124 -4.90 -6.26 -20.77
N LYS A 125 -5.05 -5.01 -21.23
CA LYS A 125 -4.62 -4.59 -22.56
C LYS A 125 -3.64 -3.44 -22.46
N VAL A 126 -2.43 -3.62 -23.02
CA VAL A 126 -1.39 -2.60 -22.92
C VAL A 126 -1.84 -1.35 -23.65
N CYS A 127 -1.71 -0.19 -22.99
CA CYS A 127 -2.13 1.08 -23.60
C CYS A 127 -1.01 2.09 -23.78
N THR A 128 0.20 1.78 -23.36
CA THR A 128 1.38 2.56 -23.72
C THR A 128 2.07 1.91 -24.91
N ASP A 129 3.10 2.59 -25.43
CA ASP A 129 3.80 2.02 -26.59
C ASP A 129 4.35 0.64 -26.26
N GLU A 130 4.89 0.46 -25.06
CA GLU A 130 5.45 -0.81 -24.64
C GLU A 130 5.13 -1.00 -23.16
N LEU A 131 5.29 -2.24 -22.71
CA LEU A 131 5.18 -2.55 -21.29
C LEU A 131 6.20 -3.60 -20.97
N ILE A 132 6.89 -3.41 -19.84
CA ILE A 132 7.88 -4.36 -19.36
C ILE A 132 7.39 -4.86 -18.01
N ALA A 133 7.35 -6.17 -17.84
CA ALA A 133 6.88 -6.74 -16.58
C ALA A 133 7.80 -7.85 -16.11
N TRP A 134 7.72 -8.12 -14.81
CA TRP A 134 8.40 -9.26 -14.22
C TRP A 134 7.32 -10.27 -13.82
N VAL A 135 7.54 -11.53 -14.14
CA VAL A 135 6.49 -12.55 -14.10
C VAL A 135 6.85 -13.63 -13.11
N LEU A 136 5.90 -13.95 -12.23
CA LEU A 136 6.05 -14.98 -11.22
C LEU A 136 5.08 -16.11 -11.51
N ASP A 137 5.53 -17.33 -11.27
CA ASP A 137 4.73 -18.52 -11.51
C ASP A 137 3.75 -18.75 -10.36
N ARG A 138 2.71 -19.53 -10.65
CA ARG A 138 1.65 -19.77 -9.67
C ARG A 138 2.18 -20.48 -8.42
N ASP A 139 3.01 -21.50 -8.59
CA ASP A 139 3.48 -22.24 -7.43
C ASP A 139 4.28 -21.36 -6.47
N THR A 140 5.16 -20.52 -7.01
CA THR A 140 5.91 -19.64 -6.11
C THR A 140 4.98 -18.65 -5.43
N TYR A 141 4.00 -18.12 -6.17
CA TYR A 141 3.05 -17.22 -5.52
C TYR A 141 2.31 -17.93 -4.40
N ARG A 142 1.80 -19.14 -4.69
CA ARG A 142 0.97 -19.81 -3.69
C ARG A 142 1.80 -20.25 -2.48
N ASN A 143 3.04 -20.70 -2.72
CA ASN A 143 3.85 -21.23 -1.62
C ASN A 143 4.54 -20.14 -0.80
N LEU A 144 4.98 -19.06 -1.44
CA LEU A 144 5.80 -18.10 -0.75
C LEU A 144 5.14 -16.74 -0.53
N VAL A 145 4.18 -16.36 -1.36
CA VAL A 145 3.63 -15.01 -1.34
C VAL A 145 2.26 -14.96 -0.66
N MET A 146 1.34 -15.80 -1.10
CA MET A 146 -0.06 -15.62 -0.74
C MET A 146 -0.26 -15.60 0.77
N GLY A 147 0.33 -16.57 1.48
CA GLY A 147 0.23 -16.58 2.92
C GLY A 147 -1.20 -16.43 3.40
N THR A 148 -1.41 -15.53 4.36
CA THR A 148 -2.73 -15.31 4.96
C THR A 148 -3.50 -14.18 4.28
N ALA A 149 -3.31 -13.99 2.97
CA ALA A 149 -3.92 -12.86 2.28
C ALA A 149 -5.42 -12.79 2.47
N ILE A 150 -6.10 -13.93 2.37
CA ILE A 150 -7.55 -13.89 2.45
C ILE A 150 -8.01 -13.55 3.86
N ARG A 151 -7.34 -14.11 4.88
CA ARG A 151 -7.67 -13.77 6.26
C ARG A 151 -7.42 -12.29 6.54
N ARG A 152 -6.32 -11.76 6.03
CA ARG A 152 -6.01 -10.35 6.23
C ARG A 152 -7.09 -9.46 5.61
N ARG A 153 -7.49 -9.78 4.38
CA ARG A 153 -8.56 -9.03 3.76
C ARG A 153 -9.83 -9.11 4.60
N GLU A 154 -10.16 -10.29 5.11
CA GLU A 154 -11.35 -10.42 5.94
C GLU A 154 -11.25 -9.62 7.23
N THR A 155 -10.05 -9.49 7.80
CA THR A 155 -9.88 -8.71 9.02
C THR A 155 -10.30 -7.26 8.81
N TYR A 156 -10.02 -6.69 7.64
CA TYR A 156 -10.16 -5.24 7.47
C TYR A 156 -11.29 -4.79 6.54
N ILE A 157 -11.78 -5.63 5.63
CA ILE A 157 -12.59 -5.07 4.55
C ILE A 157 -13.89 -4.43 5.06
N GLN A 158 -14.59 -5.08 5.98
CA GLN A 158 -15.84 -4.50 6.45
C GLN A 158 -15.61 -3.18 7.16
N PHE A 159 -14.52 -3.10 7.93
CA PHE A 159 -14.14 -1.85 8.57
C PHE A 159 -13.83 -0.78 7.54
N LEU A 160 -13.00 -1.10 6.55
CA LEU A 160 -12.61 -0.12 5.55
C LEU A 160 -13.81 0.41 4.79
N ALA A 161 -14.82 -0.44 4.60
CA ALA A 161 -16.03 -0.02 3.91
C ALA A 161 -16.82 1.03 4.69
N ASN A 162 -16.44 1.30 5.94
CA ASN A 162 -17.12 2.27 6.76
C ASN A 162 -16.24 3.44 7.17
N VAL A 163 -15.07 3.57 6.56
CA VAL A 163 -14.14 4.65 6.87
C VAL A 163 -14.42 5.82 5.94
N PRO A 164 -14.75 7.00 6.46
CA PRO A 164 -15.13 8.11 5.56
C PRO A 164 -14.13 8.45 4.48
N PHE A 165 -12.84 8.60 4.79
CA PHE A 165 -11.92 9.07 3.76
C PHE A 165 -11.65 8.04 2.68
N LEU A 166 -12.11 6.81 2.86
CA LEU A 166 -11.99 5.76 1.86
C LEU A 166 -13.28 5.55 1.07
N GLY A 167 -14.31 6.38 1.30
CA GLY A 167 -15.60 6.18 0.66
C GLY A 167 -15.56 6.25 -0.85
N GLY A 168 -14.52 6.86 -1.42
CA GLY A 168 -14.41 6.92 -2.86
C GLY A 168 -13.78 5.69 -3.51
N LEU A 169 -13.14 4.83 -2.71
CA LEU A 169 -12.50 3.62 -3.24
C LEU A 169 -13.56 2.55 -3.48
N ASP A 170 -13.40 1.80 -4.57
CA ASP A 170 -14.28 0.66 -4.78
C ASP A 170 -13.79 -0.52 -3.96
N SER A 171 -14.50 -1.65 -4.08
CA SER A 171 -14.13 -2.83 -3.31
C SER A 171 -12.71 -3.27 -3.66
N TYR A 172 -12.38 -3.32 -4.95
CA TYR A 172 -11.05 -3.76 -5.36
C TYR A 172 -9.97 -2.92 -4.70
N GLU A 173 -10.15 -1.59 -4.70
CA GLU A 173 -9.16 -0.69 -4.13
C GLU A 173 -9.10 -0.82 -2.60
N LYS A 174 -10.24 -1.03 -1.96
CA LYS A 174 -10.21 -1.23 -0.52
C LYS A 174 -9.48 -2.52 -0.15
N LEU A 175 -9.66 -3.57 -0.96
CA LEU A 175 -8.97 -4.84 -0.69
C LEU A 175 -7.47 -4.70 -0.91
N GLN A 176 -7.08 -3.93 -1.91
CA GLN A 176 -5.66 -3.64 -2.11
C GLN A 176 -5.06 -2.95 -0.90
N LEU A 177 -5.81 -2.02 -0.29
CA LEU A 177 -5.34 -1.39 0.93
C LEU A 177 -5.25 -2.39 2.06
N ALA A 178 -6.27 -3.26 2.18
CA ALA A 178 -6.25 -4.26 3.24
C ALA A 178 -4.99 -5.13 3.18
N ASP A 179 -4.53 -5.44 1.95
CA ASP A 179 -3.34 -6.29 1.75
C ASP A 179 -2.11 -5.73 2.47
N ALA A 180 -2.08 -4.43 2.73
CA ALA A 180 -0.90 -3.79 3.32
C ALA A 180 -1.11 -3.41 4.78
N LEU A 181 -2.23 -3.78 5.39
CA LEU A 181 -2.54 -3.35 6.75
C LEU A 181 -2.15 -4.40 7.77
N SER A 182 -1.69 -3.94 8.92
CA SER A 182 -1.59 -4.75 10.13
C SER A 182 -2.23 -3.96 11.26
N SER A 183 -2.36 -4.58 12.42
CA SER A 183 -3.04 -3.94 13.53
C SER A 183 -2.06 -3.64 14.63
N GLU A 184 -2.31 -2.54 15.33
CA GLU A 184 -1.54 -2.23 16.53
C GLU A 184 -2.47 -1.59 17.54
N GLU A 185 -2.32 -1.99 18.81
CA GLU A 185 -3.15 -1.45 19.87
C GLU A 185 -2.29 -0.62 20.82
N PHE A 186 -2.93 0.37 21.43
CA PHE A 186 -2.25 1.29 22.34
C PHE A 186 -3.08 1.49 23.60
N SER A 187 -2.43 1.47 24.75
CA SER A 187 -3.13 1.80 25.98
C SER A 187 -3.12 3.31 26.20
N PRO A 188 -4.04 3.81 27.03
CA PRO A 188 -4.09 5.26 27.28
C PRO A 188 -2.73 5.79 27.70
N GLY A 189 -2.34 6.91 27.12
CA GLY A 189 -1.08 7.53 27.44
C GLY A 189 0.09 7.06 26.62
N GLU A 190 -0.09 6.00 25.81
CA GLU A 190 0.98 5.58 24.92
C GLU A 190 1.01 6.46 23.68
N TYR A 191 2.22 6.71 23.19
CA TYR A 191 2.44 7.55 22.02
C TYR A 191 2.37 6.68 20.77
N ILE A 192 1.48 7.03 19.86
CA ILE A 192 1.41 6.38 18.56
C ILE A 192 2.45 6.98 17.62
N ILE A 193 2.57 8.31 17.63
CA ILE A 193 3.57 9.02 16.87
C ILE A 193 4.27 9.98 17.82
N HIS A 194 5.58 10.09 17.69
CA HIS A 194 6.36 11.07 18.41
C HIS A 194 6.77 12.18 17.46
N TYR A 195 6.73 13.41 17.98
CA TYR A 195 7.24 14.58 17.27
C TYR A 195 8.68 14.38 16.85
N GLY A 196 8.99 14.79 15.60
CA GLY A 196 10.36 14.80 15.14
C GLY A 196 10.88 13.51 14.56
N GLU A 197 10.04 12.50 14.35
CA GLU A 197 10.38 11.19 13.79
C GLU A 197 10.29 11.24 12.27
N GLU A 198 10.82 10.20 11.62
CA GLU A 198 10.85 10.19 10.15
C GLU A 198 9.46 10.25 9.51
N GLY A 199 8.48 9.55 10.09
CA GLY A 199 7.14 9.56 9.56
C GLY A 199 6.94 8.51 8.49
N GLU A 200 6.88 7.25 8.90
CA GLU A 200 6.68 6.15 7.95
C GLU A 200 5.45 5.29 8.23
N TRP A 201 4.59 5.68 9.18
CA TRP A 201 3.40 4.89 9.48
C TRP A 201 2.14 5.74 9.39
N LEU A 202 1.16 5.27 8.64
CA LEU A 202 -0.17 5.88 8.61
C LEU A 202 -1.11 4.97 9.39
N TYR A 203 -1.86 5.54 10.32
CA TYR A 203 -2.76 4.77 11.16
C TYR A 203 -4.18 5.18 10.88
N ILE A 204 -5.06 4.19 10.77
CA ILE A 204 -6.50 4.44 10.71
C ILE A 204 -7.08 3.93 12.02
N ILE A 205 -7.83 4.78 12.70
CA ILE A 205 -8.30 4.46 14.05
C ILE A 205 -9.52 3.55 13.92
N MET A 206 -9.39 2.30 14.38
CA MET A 206 -10.52 1.39 14.41
C MET A 206 -11.37 1.56 15.65
N GLU A 207 -10.76 1.95 16.76
CA GLU A 207 -11.47 2.17 18.01
C GLU A 207 -10.64 3.11 18.86
N GLY A 208 -11.30 4.01 19.56
CA GLY A 208 -10.64 4.84 20.55
C GLY A 208 -10.47 6.28 20.07
N THR A 209 -9.80 7.05 20.94
CA THR A 209 -9.58 8.47 20.72
C THR A 209 -8.11 8.78 20.95
N VAL A 210 -7.58 9.70 20.14
CA VAL A 210 -6.20 10.15 20.25
C VAL A 210 -6.20 11.66 20.34
N GLU A 211 -5.11 12.20 20.88
CA GLU A 211 -4.87 13.63 20.90
C GLU A 211 -3.61 13.96 20.10
N VAL A 212 -3.68 15.03 19.33
CA VAL A 212 -2.54 15.53 18.56
C VAL A 212 -1.90 16.65 19.38
N ILE A 213 -0.60 16.51 19.64
CA ILE A 213 0.13 17.45 20.50
C ILE A 213 1.25 18.07 19.67
N GLY A 214 1.09 19.34 19.32
CA GLY A 214 2.09 20.05 18.57
C GLY A 214 3.07 20.75 19.49
N ARG A 215 3.82 21.67 18.91
CA ARG A 215 4.71 22.55 19.66
C ARG A 215 4.33 23.99 19.34
N ASP A 216 4.21 24.81 20.39
CA ASP A 216 3.83 26.21 20.21
C ASP A 216 5.08 27.04 19.87
N ALA A 217 4.90 28.36 19.81
CA ALA A 217 5.99 29.24 19.40
C ALA A 217 7.16 29.22 20.36
N ASP A 218 6.94 28.80 21.60
CA ASP A 218 7.99 28.64 22.60
C ASP A 218 8.57 27.23 22.63
N GLY A 219 8.13 26.34 21.73
CA GLY A 219 8.62 24.99 21.72
C GLY A 219 7.98 24.06 22.72
N GLU A 220 6.91 24.49 23.38
CA GLU A 220 6.25 23.68 24.41
C GLU A 220 5.12 22.88 23.79
N PRO A 221 4.82 21.71 24.35
CA PRO A 221 3.68 20.93 23.88
C PRO A 221 2.40 21.76 23.94
N THR A 222 1.54 21.58 22.95
CA THR A 222 0.27 22.28 22.88
C THR A 222 -0.74 21.36 22.20
N LYS A 223 -1.94 21.24 22.77
CA LYS A 223 -2.92 20.34 22.21
C LYS A 223 -3.54 20.97 20.96
N VAL A 224 -3.51 20.23 19.86
CA VAL A 224 -4.01 20.70 18.58
C VAL A 224 -5.45 20.28 18.34
N CYS A 225 -5.74 19.00 18.46
CA CYS A 225 -7.09 18.48 18.22
C CYS A 225 -7.13 17.04 18.70
N GLU A 226 -8.29 16.42 18.55
CA GLU A 226 -8.45 14.99 18.77
C GLU A 226 -8.92 14.34 17.47
N PHE A 227 -8.70 13.03 17.39
CA PHE A 227 -9.26 12.21 16.34
C PHE A 227 -9.84 10.95 16.97
N THR A 228 -10.76 10.31 16.26
CA THR A 228 -11.39 9.12 16.83
C THR A 228 -11.69 8.12 15.70
N GLN A 229 -12.57 7.16 15.97
CA GLN A 229 -12.82 6.06 15.06
C GLN A 229 -13.07 6.55 13.65
N GLY A 230 -12.38 5.94 12.69
CA GLY A 230 -12.50 6.28 11.28
C GLY A 230 -11.54 7.34 10.82
N ASP A 231 -10.93 8.09 11.73
CA ASP A 231 -9.96 9.11 11.36
C ASP A 231 -8.61 8.49 11.07
N HIS A 232 -7.75 9.26 10.39
CA HIS A 232 -6.40 8.81 10.08
C HIS A 232 -5.39 9.81 10.61
N ILE A 233 -4.21 9.30 10.97
CA ILE A 233 -3.07 10.11 11.38
C ILE A 233 -1.83 9.57 10.69
N GLY A 234 -0.85 10.45 10.48
CA GLY A 234 0.42 10.09 9.87
C GLY A 234 0.56 10.43 8.41
N GLU A 235 -0.52 10.86 7.76
CA GLU A 235 -0.41 11.09 6.32
C GLU A 235 0.33 12.36 5.97
N LEU A 236 0.40 13.35 6.87
CA LEU A 236 0.92 14.65 6.44
C LEU A 236 2.37 14.55 6.01
N GLU A 237 3.17 13.79 6.77
CA GLU A 237 4.58 13.59 6.44
C GLU A 237 4.75 12.90 5.09
N PHE A 238 3.82 12.02 4.74
CA PHE A 238 3.89 11.30 3.47
C PHE A 238 3.55 12.22 2.31
N LEU A 239 2.58 13.12 2.52
CA LEU A 239 2.16 14.03 1.45
C LEU A 239 3.22 15.08 1.17
N ASN A 240 3.85 15.61 2.22
CA ASN A 240 4.68 16.79 2.09
C ASN A 240 6.14 16.53 2.43
N ASN A 241 6.52 15.28 2.64
CA ASN A 241 7.93 14.88 2.72
C ASN A 241 8.69 15.62 3.83
N HIS A 242 8.21 15.45 5.05
CA HIS A 242 8.89 16.05 6.19
C HIS A 242 8.75 15.11 7.39
N ARG A 243 9.53 15.39 8.41
CA ARG A 243 9.46 14.64 9.65
C ARG A 243 8.22 15.04 10.43
N THR A 244 7.84 14.21 11.40
CA THR A 244 6.57 14.46 12.07
C THR A 244 6.63 15.76 12.86
N VAL A 245 5.49 16.44 12.89
CA VAL A 245 5.38 17.76 13.49
C VAL A 245 4.44 17.77 14.69
N ALA A 246 4.06 16.61 15.18
CA ALA A 246 3.25 16.53 16.37
C ALA A 246 3.42 15.13 16.94
N ASP A 247 3.19 15.02 18.25
CA ASP A 247 2.92 13.72 18.85
C ASP A 247 1.47 13.36 18.62
N VAL A 248 1.18 12.08 18.59
CA VAL A 248 -0.19 11.59 18.64
C VAL A 248 -0.24 10.58 19.76
N VAL A 249 -1.09 10.84 20.76
CA VAL A 249 -1.11 10.10 22.01
C VAL A 249 -2.49 9.48 22.18
N ALA A 250 -2.53 8.21 22.55
CA ALA A 250 -3.81 7.56 22.84
C ALA A 250 -4.40 8.17 24.10
N THR A 251 -5.67 8.60 24.03
CA THR A 251 -6.35 9.06 25.24
C THR A 251 -7.25 8.01 25.85
N THR A 252 -7.61 6.98 25.09
CA THR A 252 -8.29 5.79 25.54
C THR A 252 -7.48 4.60 25.06
N HIS A 253 -7.95 3.39 25.32
CA HIS A 253 -7.42 2.27 24.58
C HIS A 253 -7.73 2.52 23.12
N VAL A 254 -6.74 2.29 22.26
CA VAL A 254 -6.88 2.57 20.84
C VAL A 254 -6.50 1.34 20.05
N ILE A 255 -7.28 1.02 19.04
CA ILE A 255 -6.92 -0.01 18.07
C ILE A 255 -6.77 0.68 16.72
N THR A 256 -5.63 0.44 16.07
CA THR A 256 -5.38 1.02 14.76
C THR A 256 -5.15 -0.07 13.71
N ALA A 257 -5.46 0.28 12.47
CA ALA A 257 -4.90 -0.39 11.32
C ALA A 257 -3.75 0.48 10.82
N LYS A 258 -2.64 -0.15 10.48
CA LYS A 258 -1.38 0.54 10.23
C LYS A 258 -0.89 0.21 8.82
N LEU A 259 -0.48 1.25 8.08
CA LEU A 259 0.02 1.15 6.71
C LEU A 259 1.41 1.76 6.65
N ASN A 260 2.38 1.03 6.05
CA ASN A 260 3.72 1.60 5.93
C ASN A 260 3.79 2.59 4.77
N ARG A 261 4.65 3.60 4.93
CA ARG A 261 4.82 4.62 3.91
C ARG A 261 5.16 4.04 2.55
N ARG A 262 5.89 2.91 2.52
CA ARG A 262 6.30 2.35 1.24
C ARG A 262 5.10 1.88 0.41
N HIS A 263 3.94 1.68 1.04
CA HIS A 263 2.75 1.26 0.33
C HIS A 263 1.75 2.37 0.09
N PHE A 264 2.05 3.58 0.56
CA PHE A 264 1.07 4.66 0.55
C PHE A 264 0.65 5.00 -0.88
N GLU A 265 1.62 5.21 -1.77
CA GLU A 265 1.31 5.62 -3.13
C GLU A 265 0.42 4.60 -3.83
N MET A 266 0.68 3.31 -3.63
N MET A 266 0.70 3.30 -3.63
CA MET A 266 -0.12 2.30 -4.32
CA MET A 266 -0.09 2.28 -4.30
C MET A 266 -1.52 2.19 -3.74
C MET A 266 -1.51 2.21 -3.73
N CYS A 267 -1.63 2.15 -2.41
CA CYS A 267 -2.91 1.88 -1.76
C CYS A 267 -3.84 3.09 -1.76
N LEU A 268 -3.29 4.27 -1.56
N LEU A 268 -3.29 4.28 -1.53
CA LEU A 268 -4.10 5.46 -1.32
CA LEU A 268 -4.10 5.47 -1.32
C LEU A 268 -3.95 6.49 -2.42
C LEU A 268 -3.91 6.52 -2.41
N GLY A 269 -3.31 6.15 -3.54
CA GLY A 269 -3.15 7.07 -4.65
C GLY A 269 -4.43 7.79 -5.01
N PRO A 270 -5.53 7.04 -5.16
CA PRO A 270 -6.80 7.67 -5.53
C PRO A 270 -7.34 8.66 -4.50
N VAL A 271 -6.85 8.64 -3.27
CA VAL A 271 -7.28 9.59 -2.25
C VAL A 271 -6.20 10.58 -1.86
N ILE A 272 -5.03 10.53 -2.48
CA ILE A 272 -3.98 11.52 -2.20
C ILE A 272 -4.53 12.94 -2.19
N ASP A 273 -5.64 13.18 -2.91
CA ASP A 273 -6.24 14.52 -3.02
C ASP A 273 -7.21 14.84 -1.89
N VAL A 274 -8.15 13.93 -1.60
CA VAL A 274 -8.99 14.06 -0.41
C VAL A 274 -8.11 14.40 0.77
N LEU A 275 -6.90 13.81 0.82
CA LEU A 275 -6.02 14.00 1.97
C LEU A 275 -5.36 15.36 1.97
N LYS A 276 -5.07 15.92 0.80
CA LYS A 276 -4.56 17.28 0.74
C LYS A 276 -5.55 18.33 1.23
N ARG A 277 -6.84 17.96 1.43
CA ARG A 277 -7.79 18.94 1.97
C ARG A 277 -7.57 19.25 3.42
N CYS A 278 -6.48 18.79 4.03
CA CYS A 278 -6.15 19.26 5.38
C CYS A 278 -6.05 20.77 5.41
N ALA A 279 -5.52 21.38 4.34
CA ALA A 279 -5.40 22.83 4.24
C ALA A 279 -6.69 23.54 4.61
N ASP A 280 -7.83 23.01 4.18
CA ASP A 280 -9.09 23.68 4.44
C ASP A 280 -9.61 23.41 5.84
N ASP A 281 -9.43 22.19 6.33
CA ASP A 281 -9.95 21.83 7.63
C ASP A 281 -9.41 22.79 8.69
N PRO A 282 -10.27 23.39 9.51
CA PRO A 282 -9.75 24.19 10.63
C PRO A 282 -8.88 23.39 11.56
N LYS A 283 -9.02 22.06 11.58
CA LYS A 283 -8.22 21.25 12.48
C LYS A 283 -6.75 21.27 12.11
N TYR A 284 -6.41 21.72 10.90
CA TYR A 284 -5.03 21.73 10.41
C TYR A 284 -4.40 23.11 10.35
N GLU A 285 -5.02 24.10 11.01
CA GLU A 285 -4.41 25.43 11.12
C GLU A 285 -3.00 25.33 11.69
N TYR A 286 -2.81 24.53 12.73
CA TYR A 286 -1.48 24.36 13.31
C TYR A 286 -0.48 23.91 12.26
N TYR A 287 -0.84 22.88 11.50
CA TYR A 287 0.06 22.35 10.48
C TYR A 287 0.35 23.38 9.40
N GLN A 288 -0.67 24.08 8.93
CA GLN A 288 -0.41 25.07 7.89
C GLN A 288 0.58 26.12 8.36
N ASN A 289 0.53 26.47 9.65
CA ASN A 289 1.50 27.42 10.19
C ASN A 289 2.88 26.79 10.28
N VAL A 290 2.96 25.50 10.63
CA VAL A 290 4.25 24.80 10.59
C VAL A 290 4.87 24.90 9.20
N LEU A 291 4.07 24.62 8.16
CA LEU A 291 4.62 24.70 6.81
C LEU A 291 4.96 26.14 6.45
N LYS A 292 4.11 27.09 6.81
CA LYS A 292 4.35 28.48 6.42
C LYS A 292 5.62 29.01 7.06
N THR A 293 5.87 28.68 8.33
CA THR A 293 7.04 29.17 9.03
C THR A 293 8.29 28.33 8.77
N GLY A 294 8.16 27.20 8.07
CA GLY A 294 9.31 26.39 7.75
C GLY A 294 9.84 25.56 8.91
N ALA A 295 8.96 25.07 9.77
CA ALA A 295 9.35 24.51 11.06
C ALA A 295 9.64 23.00 11.01
N ALA A 296 9.73 22.40 9.83
CA ALA A 296 9.96 20.97 9.72
C ALA A 296 11.04 20.70 8.69
N GLN A 297 11.77 19.62 8.87
CA GLN A 297 12.82 19.27 7.93
C GLN A 297 12.39 18.11 7.06
N PRO A 298 13.05 17.93 5.90
CA PRO A 298 12.60 16.92 4.95
C PRO A 298 12.71 15.51 5.47
N SER A 299 11.91 14.64 4.85
CA SER A 299 11.94 13.20 5.04
C SER A 299 11.25 12.59 3.83
N TYR A 300 11.93 11.67 3.15
CA TYR A 300 11.40 11.05 1.94
C TYR A 300 11.21 9.55 2.14
N VAL A 301 10.34 8.97 1.30
CA VAL A 301 10.08 7.54 1.37
C VAL A 301 11.40 6.78 1.19
N ASP A 302 11.53 5.69 1.92
CA ASP A 302 12.73 4.84 1.84
C ASP A 302 12.94 4.33 0.43
#